data_7BMI
#
_entry.id   7BMI
#
_cell.length_a   49.702
_cell.length_b   91.274
_cell.length_c   122.629
_cell.angle_alpha   90.000
_cell.angle_beta   90.000
_cell.angle_gamma   90.000
#
_symmetry.space_group_name_H-M   'P 21 21 21'
#
loop_
_entity.id
_entity.type
_entity.pdbx_description
1 polymer 'Aspartyl/asparaginyl beta-hydroxylase'
2 polymer 'Coagulation factor X'
3 non-polymer 'MANGANESE (II) ION'
4 non-polymer '3-fluoranylpyridine-2,4-dicarboxylic acid'
5 water water
#
loop_
_entity_poly.entity_id
_entity_poly.type
_entity_poly.pdbx_seq_one_letter_code
_entity_poly.pdbx_strand_id
1 'polypeptide(L)'
;KPKLLNKFDKTIKAELDAAEKLRKRGKIEEAVNAFKELVRKYPQSPRARYGKAQCEDDLAEKRRSNEVLRGAIETYQEVA
SLPDVPADLLKLSLKRRSDRQQFLGHMRGSLLTLQRLVQLFPNDTSLKNDLGVGYLLIGDNDNAKKVYEEVLSVTPNDGF
AKVHYGFILKAQNKIAESIPYLKEGIESGDPGTDDGRFYFHLGDAMQRVGNKEAYKWYELGHKRGHFASVWQRSLYNVNG
LKAQPWWTPKETGYTELVKSLERNWKLIRDEGLAVMDKAKGLFLPEDENLREKGDWSQFTLWQQGRRNENACKGAPKTCT
LLEKFPETTGCRRGQIKYSIMHPGTHVWPHTGPTNCRLRMHLGLVIPKEGCKIRCANETKTWEEGKVLIFDDSFEHEVWQ
DASSFRLIFIVDVWHPELTPQQRRSLPAI
;
A
2 'polypeptide(L)' DGDQSETSPSQNQGKCKDGLGEYTCTSLEGFEGKNSELF B
#
# COMPACT_ATOMS: atom_id res chain seq x y z
N LYS A 1 28.39 16.41 -15.49
CA LYS A 1 27.98 15.49 -16.55
C LYS A 1 26.80 16.07 -17.36
N PRO A 2 25.67 16.37 -16.70
CA PRO A 2 24.48 16.79 -17.45
C PRO A 2 24.63 18.19 -18.04
N LYS A 3 24.13 18.36 -19.25
CA LYS A 3 24.24 19.62 -19.99
C LYS A 3 22.96 20.37 -19.76
N LEU A 4 23.02 21.40 -18.90
CA LEU A 4 21.83 22.13 -18.51
C LEU A 4 21.74 23.55 -19.04
N LEU A 5 22.80 24.06 -19.71
CA LEU A 5 22.84 25.45 -20.15
C LEU A 5 22.66 25.51 -21.67
N ASN A 6 21.56 26.09 -22.13
CA ASN A 6 21.42 26.41 -23.55
C ASN A 6 22.37 27.57 -23.93
N LYS A 7 22.28 28.03 -25.18
CA LYS A 7 23.23 29.03 -25.67
C LYS A 7 23.18 30.31 -24.83
N PHE A 8 21.99 30.86 -24.62
CA PHE A 8 21.89 32.12 -23.88
C PHE A 8 22.29 31.95 -22.41
N ASP A 9 21.93 30.82 -21.80
CA ASP A 9 22.25 30.60 -20.38
C ASP A 9 23.76 30.51 -20.16
N LYS A 10 24.50 30.04 -21.14
CA LYS A 10 25.96 30.08 -21.01
C LYS A 10 26.47 31.53 -20.91
N THR A 11 25.79 32.51 -21.52
CA THR A 11 26.28 33.87 -21.45
C THR A 11 25.98 34.52 -20.10
N ILE A 12 25.14 33.90 -19.26
CA ILE A 12 24.87 34.46 -17.93
C ILE A 12 25.20 33.39 -16.89
N LYS A 13 26.16 32.53 -17.19
CA LYS A 13 26.48 31.46 -16.26
C LYS A 13 27.05 32.00 -14.94
N ALA A 14 27.70 33.17 -14.96
CA ALA A 14 28.21 33.74 -13.70
C ALA A 14 27.04 34.02 -12.75
N GLU A 15 26.00 34.73 -13.25
CA GLU A 15 24.85 35.01 -12.40
C GLU A 15 24.17 33.72 -11.97
N LEU A 16 23.96 32.79 -12.90
CA LEU A 16 23.30 31.52 -12.57
C LEU A 16 24.10 30.76 -11.52
N ASP A 17 25.44 30.73 -11.66
CA ASP A 17 26.29 30.06 -10.67
C ASP A 17 26.19 30.75 -9.31
N ALA A 18 26.16 32.08 -9.28
CA ALA A 18 26.11 32.77 -7.99
C ALA A 18 24.81 32.42 -7.25
N ALA A 19 23.69 32.36 -8.00
CA ALA A 19 22.39 32.02 -7.39
C ALA A 19 22.39 30.60 -6.86
N GLU A 20 22.91 29.67 -7.65
CA GLU A 20 22.97 28.26 -7.26
C GLU A 20 23.90 28.06 -6.07
N LYS A 21 24.99 28.84 -5.98
CA LYS A 21 25.88 28.69 -4.84
C LYS A 21 25.15 29.04 -3.55
N LEU A 22 24.28 30.05 -3.59
CA LEU A 22 23.52 30.42 -2.41
C LEU A 22 22.61 29.27 -2.00
N ARG A 23 22.02 28.60 -2.98
CA ARG A 23 21.14 27.48 -2.65
C ARG A 23 21.92 26.32 -2.02
N LYS A 24 23.10 26.02 -2.59
CA LYS A 24 23.89 24.89 -2.10
C LYS A 24 24.44 25.15 -0.72
N ARG A 25 24.64 26.42 -0.35
CA ARG A 25 25.10 26.74 1.01
C ARG A 25 23.96 26.77 2.00
N GLY A 26 22.74 26.37 1.57
CA GLY A 26 21.60 26.38 2.46
C GLY A 26 20.98 27.74 2.70
N LYS A 27 21.39 28.77 1.96
CA LYS A 27 20.75 30.08 2.09
C LYS A 27 19.56 30.12 1.13
N ILE A 28 18.56 29.31 1.46
CA ILE A 28 17.40 29.12 0.56
C ILE A 28 16.72 30.44 0.28
N GLU A 29 16.51 31.23 1.32
CA GLU A 29 15.75 32.48 1.18
C GLU A 29 16.45 33.40 0.21
N GLU A 30 17.77 33.61 0.42
CA GLU A 30 18.58 34.39 -0.52
C GLU A 30 18.55 33.78 -1.92
N ALA A 31 18.67 32.46 -2.02
CA ALA A 31 18.66 31.81 -3.32
C ALA A 31 17.33 32.02 -4.04
N VAL A 32 16.20 31.86 -3.35
CA VAL A 32 14.91 32.07 -4.01
C VAL A 32 14.86 33.47 -4.63
N ASN A 33 15.20 34.50 -3.86
CA ASN A 33 15.11 35.86 -4.38
C ASN A 33 16.13 36.09 -5.49
N ALA A 34 17.28 35.42 -5.43
CA ALA A 34 18.26 35.56 -6.51
C ALA A 34 17.78 34.93 -7.81
N PHE A 35 17.17 33.75 -7.74
CA PHE A 35 16.63 33.17 -8.95
C PHE A 35 15.36 33.89 -9.44
N LYS A 36 14.54 34.40 -8.52
CA LYS A 36 13.40 35.20 -8.98
C LYS A 36 13.89 36.44 -9.71
N GLU A 37 14.93 37.08 -9.17
CA GLU A 37 15.57 38.18 -9.89
C GLU A 37 16.05 37.75 -11.27
N LEU A 38 16.66 36.56 -11.37
CA LEU A 38 17.12 36.10 -12.68
C LEU A 38 15.97 35.73 -13.64
N VAL A 39 14.88 35.20 -13.11
CA VAL A 39 13.68 34.94 -13.93
C VAL A 39 13.06 36.27 -14.38
N ARG A 40 13.01 37.27 -13.49
CA ARG A 40 12.53 38.59 -13.87
C ARG A 40 13.35 39.15 -15.03
N LYS A 41 14.68 39.16 -14.88
CA LYS A 41 15.53 39.78 -15.87
C LYS A 41 15.64 38.94 -17.14
N TYR A 42 15.61 37.60 -17.00
CA TYR A 42 15.83 36.65 -18.10
C TYR A 42 14.63 35.70 -18.14
N PRO A 43 13.45 36.20 -18.53
CA PRO A 43 12.22 35.42 -18.38
C PRO A 43 12.18 34.16 -19.24
N GLN A 44 13.06 34.02 -20.22
CA GLN A 44 13.09 32.80 -21.03
C GLN A 44 14.11 31.80 -20.58
N SER A 45 14.97 32.18 -19.62
CA SER A 45 16.06 31.29 -19.19
C SER A 45 15.51 30.00 -18.53
N PRO A 46 15.83 28.82 -19.09
CA PRO A 46 15.39 27.57 -18.43
C PRO A 46 16.19 27.26 -17.17
N ARG A 47 17.50 27.57 -17.14
CA ARG A 47 18.27 27.31 -15.92
C ARG A 47 17.85 28.25 -14.79
N ALA A 48 17.53 29.51 -15.09
CA ALA A 48 17.05 30.37 -14.03
C ALA A 48 15.71 29.82 -13.48
N ARG A 49 14.83 29.36 -14.38
CA ARG A 49 13.53 28.86 -13.95
C ARG A 49 13.69 27.57 -13.14
N TYR A 50 14.59 26.68 -13.57
CA TYR A 50 14.89 25.48 -12.80
C TYR A 50 15.47 25.83 -11.43
N GLY A 51 16.31 26.87 -11.37
CA GLY A 51 16.82 27.29 -10.07
C GLY A 51 15.71 27.72 -9.11
N LYS A 52 14.79 28.56 -9.59
N LYS A 52 14.82 28.58 -9.59
CA LYS A 52 13.64 28.95 -8.79
CA LYS A 52 13.63 28.96 -8.82
C LYS A 52 12.89 27.74 -8.28
C LYS A 52 12.91 27.73 -8.28
N ALA A 53 12.65 26.75 -9.14
CA ALA A 53 11.92 25.54 -8.72
C ALA A 53 12.70 24.72 -7.70
N GLN A 54 13.98 24.47 -7.95
CA GLN A 54 14.79 23.74 -6.99
C GLN A 54 14.88 24.46 -5.64
N CYS A 55 14.86 25.78 -5.65
CA CYS A 55 14.86 26.55 -4.40
C CYS A 55 13.55 26.40 -3.66
N GLU A 56 12.43 26.48 -4.37
CA GLU A 56 11.14 26.19 -3.74
C GLU A 56 11.10 24.78 -3.19
N ASP A 57 11.64 23.83 -3.96
CA ASP A 57 11.69 22.44 -3.52
C ASP A 57 12.46 22.32 -2.22
N ASP A 58 13.65 22.90 -2.17
CA ASP A 58 14.42 22.91 -0.92
C ASP A 58 13.65 23.60 0.20
N LEU A 59 12.91 24.64 -0.15
CA LEU A 59 12.20 25.40 0.88
C LEU A 59 11.04 24.58 1.45
N ALA A 60 10.36 23.81 0.59
CA ALA A 60 9.31 22.94 1.10
C ALA A 60 9.89 21.91 2.06
N GLU A 61 11.05 21.35 1.69
CA GLU A 61 11.75 20.37 2.52
C GLU A 61 12.15 20.96 3.88
N LYS A 62 12.65 22.20 3.89
CA LYS A 62 13.07 22.84 5.13
C LYS A 62 11.86 23.17 6.02
N ARG A 63 10.79 23.68 5.41
CA ARG A 63 9.57 24.00 6.15
C ARG A 63 8.62 22.82 6.29
N ARG A 64 8.91 21.70 5.61
CA ARG A 64 7.99 20.54 5.55
C ARG A 64 6.57 21.01 5.21
N SER A 65 6.47 21.83 4.17
CA SER A 65 5.23 22.45 3.73
C SER A 65 4.85 21.90 2.36
N ASN A 66 3.68 21.23 2.31
CA ASN A 66 3.12 20.79 1.03
C ASN A 66 2.76 22.00 0.16
N GLU A 67 2.32 23.09 0.80
CA GLU A 67 2.04 24.36 0.11
C GLU A 67 3.22 24.84 -0.71
N VAL A 68 4.39 24.92 -0.08
CA VAL A 68 5.60 25.36 -0.80
C VAL A 68 5.94 24.37 -1.91
N LEU A 69 5.72 23.07 -1.68
CA LEU A 69 6.10 22.09 -2.68
C LEU A 69 5.17 22.15 -3.91
N ARG A 70 3.89 22.43 -3.71
CA ARG A 70 2.98 22.60 -4.83
C ARG A 70 3.43 23.75 -5.71
N GLY A 71 3.97 24.84 -5.11
CA GLY A 71 4.56 25.89 -5.92
C GLY A 71 5.72 25.41 -6.79
N ALA A 72 6.62 24.61 -6.21
CA ALA A 72 7.75 24.11 -6.97
C ALA A 72 7.27 23.28 -8.14
N ILE A 73 6.20 22.50 -7.94
CA ILE A 73 5.67 21.64 -9.00
C ILE A 73 5.29 22.44 -10.25
N GLU A 74 4.61 23.56 -10.08
CA GLU A 74 4.28 24.41 -11.24
C GLU A 74 5.54 25.04 -11.84
N THR A 75 6.50 25.45 -11.01
CA THR A 75 7.71 26.03 -11.60
C THR A 75 8.46 24.98 -12.43
N TYR A 76 8.52 23.72 -11.95
CA TYR A 76 9.13 22.67 -12.77
C TYR A 76 8.44 22.54 -14.14
N GLN A 77 7.13 22.74 -14.14
CA GLN A 77 6.39 22.72 -15.41
C GLN A 77 6.72 23.95 -16.24
N GLU A 78 6.85 25.11 -15.59
CA GLU A 78 7.25 26.32 -16.30
C GLU A 78 8.54 26.08 -17.08
N VAL A 79 9.53 25.41 -16.47
CA VAL A 79 10.80 25.14 -17.14
C VAL A 79 10.57 24.49 -18.49
N ALA A 80 9.74 23.45 -18.51
CA ALA A 80 9.50 22.69 -19.72
C ALA A 80 8.72 23.47 -20.76
N SER A 81 8.04 24.54 -20.38
CA SER A 81 7.28 25.40 -21.30
C SER A 81 8.12 26.47 -21.97
N LEU A 82 9.36 26.67 -21.54
CA LEU A 82 10.21 27.73 -22.10
C LEU A 82 10.82 27.31 -23.43
N PRO A 83 11.37 28.25 -24.20
CA PRO A 83 12.03 27.87 -25.45
C PRO A 83 13.42 27.35 -25.21
N ASP A 84 13.82 26.47 -26.13
CA ASP A 84 15.22 26.01 -26.23
C ASP A 84 15.70 25.42 -24.90
N VAL A 85 14.90 24.52 -24.33
CA VAL A 85 15.31 23.85 -23.08
C VAL A 85 16.23 22.68 -23.43
N PRO A 86 17.43 22.59 -22.85
CA PRO A 86 18.30 21.44 -23.13
C PRO A 86 17.64 20.15 -22.66
N ALA A 87 17.89 19.07 -23.42
CA ALA A 87 17.23 17.80 -23.19
C ALA A 87 17.45 17.30 -21.77
N ASP A 88 18.67 17.43 -21.24
CA ASP A 88 18.92 16.89 -19.91
C ASP A 88 18.15 17.68 -18.86
N LEU A 89 18.06 19.00 -19.05
CA LEU A 89 17.32 19.85 -18.12
C LEU A 89 15.82 19.57 -18.20
N LEU A 90 15.28 19.46 -19.43
CA LEU A 90 13.88 19.13 -19.62
C LEU A 90 13.51 17.85 -18.86
N LYS A 91 14.35 16.83 -18.96
CA LYS A 91 14.06 15.54 -18.35
C LYS A 91 14.17 15.61 -16.84
N LEU A 92 15.21 16.29 -16.33
CA LEU A 92 15.35 16.47 -14.87
C LEU A 92 14.17 17.23 -14.28
N SER A 93 13.74 18.30 -14.96
CA SER A 93 12.66 19.14 -14.46
C SER A 93 11.34 18.37 -14.35
N LEU A 94 10.97 17.67 -15.43
CA LEU A 94 9.72 16.95 -15.44
C LEU A 94 9.76 15.67 -14.60
N LYS A 95 10.91 15.04 -14.52
CA LYS A 95 11.03 13.89 -13.63
C LYS A 95 10.83 14.32 -12.17
N ARG A 96 11.54 15.38 -11.74
CA ARG A 96 11.38 15.84 -10.37
C ARG A 96 9.94 16.23 -10.11
N ARG A 97 9.29 16.83 -11.11
CA ARG A 97 7.89 17.21 -10.99
C ARG A 97 7.03 16.00 -10.67
N SER A 98 7.12 14.95 -11.51
CA SER A 98 6.35 13.71 -11.28
C SER A 98 6.63 13.15 -9.90
N ASP A 99 7.91 13.08 -9.50
CA ASP A 99 8.28 12.51 -8.21
C ASP A 99 7.69 13.30 -7.05
N ARG A 100 7.70 14.63 -7.14
CA ARG A 100 7.09 15.44 -6.07
C ARG A 100 5.56 15.36 -6.09
N GLN A 101 4.97 15.27 -7.29
CA GLN A 101 3.54 14.97 -7.36
C GLN A 101 3.23 13.64 -6.67
N GLN A 102 4.03 12.60 -6.93
CA GLN A 102 3.75 11.32 -6.25
C GLN A 102 3.89 11.46 -4.73
N PHE A 103 4.94 12.17 -4.28
CA PHE A 103 5.16 12.40 -2.85
C PHE A 103 3.96 13.08 -2.21
N LEU A 104 3.28 13.97 -2.93
CA LEU A 104 2.10 14.62 -2.40
C LEU A 104 0.80 13.80 -2.52
N GLY A 105 0.79 12.76 -3.31
CA GLY A 105 -0.39 11.97 -3.55
C GLY A 105 -1.16 12.34 -4.81
N HIS A 106 -0.61 13.22 -5.64
CA HIS A 106 -1.23 13.62 -6.91
C HIS A 106 -0.80 12.60 -7.96
N MET A 107 -1.43 11.41 -7.87
CA MET A 107 -1.05 10.30 -8.74
C MET A 107 -1.53 10.52 -10.17
N ARG A 108 -2.72 11.08 -10.37
CA ARG A 108 -3.17 11.36 -11.73
C ARG A 108 -2.34 12.48 -12.34
N GLY A 109 -1.96 13.47 -11.54
CA GLY A 109 -1.06 14.51 -12.07
C GLY A 109 0.30 13.94 -12.45
N SER A 110 0.87 13.13 -11.55
CA SER A 110 2.14 12.50 -11.86
C SER A 110 2.02 11.66 -13.13
N LEU A 111 0.91 10.94 -13.29
CA LEU A 111 0.74 10.13 -14.49
C LEU A 111 0.84 10.98 -15.74
N LEU A 112 0.17 12.12 -15.76
CA LEU A 112 0.19 12.98 -16.95
C LEU A 112 1.61 13.49 -17.24
N THR A 113 2.37 13.85 -16.20
CA THR A 113 3.77 14.24 -16.44
C THR A 113 4.56 13.07 -17.05
N LEU A 114 4.31 11.84 -16.55
CA LEU A 114 5.05 10.68 -17.04
C LEU A 114 4.73 10.38 -18.50
N GLN A 115 3.46 10.42 -18.87
CA GLN A 115 3.07 10.31 -20.27
C GLN A 115 3.83 11.32 -21.13
N ARG A 116 3.83 12.58 -20.72
CA ARG A 116 4.57 13.58 -21.49
C ARG A 116 6.06 13.20 -21.59
N LEU A 117 6.67 12.81 -20.45
CA LEU A 117 8.08 12.45 -20.48
C LEU A 117 8.38 11.36 -21.52
N VAL A 118 7.49 10.37 -21.64
CA VAL A 118 7.72 9.25 -22.56
C VAL A 118 7.56 9.70 -24.01
N GLN A 119 6.60 10.59 -24.26
CA GLN A 119 6.46 11.14 -25.61
C GLN A 119 7.68 11.98 -25.98
N LEU A 120 8.23 12.74 -25.04
CA LEU A 120 9.39 13.59 -25.36
C LEU A 120 10.66 12.78 -25.51
N PHE A 121 10.77 11.66 -24.79
CA PHE A 121 11.98 10.82 -24.81
C PHE A 121 11.59 9.39 -25.11
N PRO A 122 11.25 9.07 -26.36
CA PRO A 122 10.73 7.72 -26.67
C PRO A 122 11.74 6.59 -26.59
N ASN A 123 13.04 6.85 -26.48
CA ASN A 123 14.03 5.79 -26.38
C ASN A 123 14.56 5.60 -24.98
N ASP A 124 14.06 6.35 -23.98
CA ASP A 124 14.48 6.19 -22.60
C ASP A 124 13.60 5.10 -21.97
N THR A 125 14.18 3.91 -21.80
CA THR A 125 13.47 2.80 -21.19
C THR A 125 13.13 3.04 -19.72
N SER A 126 13.99 3.76 -18.99
N SER A 126 13.99 3.76 -18.99
CA SER A 126 13.73 4.03 -17.57
CA SER A 126 13.70 4.01 -17.56
C SER A 126 12.46 4.86 -17.40
C SER A 126 12.44 4.84 -17.40
N LEU A 127 12.22 5.79 -18.32
CA LEU A 127 10.99 6.60 -18.24
C LEU A 127 9.76 5.75 -18.51
N LYS A 128 9.86 4.74 -19.41
CA LYS A 128 8.73 3.84 -19.58
C LYS A 128 8.47 3.04 -18.31
N ASN A 129 9.54 2.51 -17.68
CA ASN A 129 9.36 1.86 -16.38
C ASN A 129 8.66 2.79 -15.37
N ASP A 130 9.07 4.06 -15.32
CA ASP A 130 8.45 5.03 -14.40
C ASP A 130 6.99 5.28 -14.77
N LEU A 131 6.70 5.31 -16.08
CA LEU A 131 5.31 5.43 -16.51
C LEU A 131 4.45 4.26 -16.06
N GLY A 132 5.01 3.03 -16.13
CA GLY A 132 4.29 1.86 -15.63
C GLY A 132 3.94 2.01 -14.16
N VAL A 133 4.84 2.62 -13.37
CA VAL A 133 4.53 2.87 -11.97
C VAL A 133 3.39 3.86 -11.84
N GLY A 134 3.43 4.93 -12.63
CA GLY A 134 2.32 5.88 -12.66
C GLY A 134 0.96 5.19 -12.81
N TYR A 135 0.89 4.26 -13.77
CA TYR A 135 -0.36 3.52 -14.00
C TYR A 135 -0.69 2.63 -12.81
N LEU A 136 0.28 1.89 -12.29
CA LEU A 136 0.02 1.08 -11.10
C LEU A 136 -0.54 1.92 -9.93
N LEU A 137 -0.05 3.16 -9.78
CA LEU A 137 -0.42 3.94 -8.64
C LEU A 137 -1.84 4.47 -8.75
N ILE A 138 -2.43 4.58 -9.94
CA ILE A 138 -3.84 4.95 -10.04
C ILE A 138 -4.75 3.74 -10.21
N GLY A 139 -4.21 2.53 -10.08
CA GLY A 139 -5.00 1.33 -10.22
C GLY A 139 -5.23 0.86 -11.63
N ASP A 140 -4.41 1.29 -12.60
CA ASP A 140 -4.60 0.95 -14.01
C ASP A 140 -3.62 -0.16 -14.39
N ASN A 141 -3.93 -1.38 -13.95
CA ASN A 141 -3.03 -2.49 -14.20
C ASN A 141 -3.02 -2.88 -15.66
N ASP A 142 -4.11 -2.65 -16.39
CA ASP A 142 -4.14 -2.98 -17.81
C ASP A 142 -3.12 -2.14 -18.60
N ASN A 143 -3.03 -0.84 -18.31
CA ASN A 143 -2.05 -0.03 -19.05
C ASN A 143 -0.64 -0.29 -18.56
N ALA A 144 -0.47 -0.45 -17.23
CA ALA A 144 0.84 -0.80 -16.69
C ALA A 144 1.40 -2.03 -17.39
N LYS A 145 0.56 -3.06 -17.52
CA LYS A 145 0.99 -4.30 -18.16
C LYS A 145 1.50 -4.07 -19.58
N LYS A 146 0.81 -3.24 -20.36
CA LYS A 146 1.29 -2.96 -21.70
C LYS A 146 2.61 -2.19 -21.70
N VAL A 147 2.78 -1.26 -20.75
CA VAL A 147 4.03 -0.51 -20.70
C VAL A 147 5.20 -1.46 -20.48
N TYR A 148 5.07 -2.41 -19.52
CA TYR A 148 6.17 -3.33 -19.24
C TYR A 148 6.33 -4.36 -20.35
N GLU A 149 5.25 -4.77 -20.99
CA GLU A 149 5.39 -5.58 -22.21
C GLU A 149 6.22 -4.84 -23.28
N GLU A 150 5.95 -3.56 -23.47
CA GLU A 150 6.72 -2.79 -24.43
C GLU A 150 8.19 -2.74 -24.02
N VAL A 151 8.45 -2.53 -22.72
CA VAL A 151 9.82 -2.45 -22.23
C VAL A 151 10.55 -3.76 -22.49
N LEU A 152 9.96 -4.87 -22.05
CA LEU A 152 10.59 -6.17 -22.20
C LEU A 152 10.79 -6.55 -23.68
N SER A 153 9.97 -5.99 -24.58
CA SER A 153 10.09 -6.35 -25.99
C SER A 153 11.34 -5.75 -26.61
N VAL A 154 11.91 -4.69 -26.04
CA VAL A 154 13.13 -4.11 -26.56
C VAL A 154 14.32 -4.32 -25.61
N THR A 155 14.09 -4.35 -24.29
CA THR A 155 15.13 -4.68 -23.32
C THR A 155 14.61 -5.83 -22.50
N PRO A 156 14.69 -7.06 -23.04
CA PRO A 156 14.04 -8.21 -22.35
C PRO A 156 14.71 -8.64 -21.07
N ASN A 157 15.91 -8.17 -20.75
CA ASN A 157 16.56 -8.49 -19.49
C ASN A 157 16.42 -7.36 -18.46
N ASP A 158 15.50 -6.42 -18.66
CA ASP A 158 15.33 -5.30 -17.72
C ASP A 158 14.70 -5.83 -16.43
N GLY A 159 15.47 -5.84 -15.35
CA GLY A 159 14.98 -6.41 -14.09
C GLY A 159 13.79 -5.70 -13.50
N PHE A 160 13.74 -4.38 -13.65
CA PHE A 160 12.65 -3.60 -13.09
C PHE A 160 11.36 -3.93 -13.81
N ALA A 161 11.42 -3.98 -15.14
CA ALA A 161 10.24 -4.35 -15.92
C ALA A 161 9.81 -5.78 -15.64
N LYS A 162 10.77 -6.67 -15.38
CA LYS A 162 10.44 -8.05 -15.05
C LYS A 162 9.68 -8.15 -13.72
N VAL A 163 10.20 -7.52 -12.64
CA VAL A 163 9.48 -7.69 -11.35
C VAL A 163 8.12 -7.07 -11.44
N HIS A 164 8.00 -5.93 -12.13
CA HIS A 164 6.70 -5.27 -12.19
C HIS A 164 5.70 -6.05 -13.04
N TYR A 165 6.18 -6.63 -14.14
CA TYR A 165 5.35 -7.50 -14.96
C TYR A 165 4.94 -8.72 -14.16
N GLY A 166 5.89 -9.32 -13.45
CA GLY A 166 5.56 -10.44 -12.59
C GLY A 166 4.55 -10.07 -11.51
N PHE A 167 4.68 -8.87 -10.93
CA PHE A 167 3.70 -8.43 -9.93
C PHE A 167 2.31 -8.35 -10.54
N ILE A 168 2.21 -7.78 -11.75
CA ILE A 168 0.92 -7.63 -12.43
C ILE A 168 0.30 -8.98 -12.74
N LEU A 169 1.11 -9.89 -13.28
CA LEU A 169 0.64 -11.23 -13.59
C LEU A 169 0.10 -11.93 -12.35
N LYS A 170 0.85 -11.84 -11.24
CA LYS A 170 0.41 -12.48 -10.00
C LYS A 170 -0.91 -11.89 -9.51
N ALA A 171 -1.07 -10.58 -9.63
CA ALA A 171 -2.30 -9.92 -9.19
C ALA A 171 -3.49 -10.38 -10.03
N GLN A 172 -3.25 -10.73 -11.29
CA GLN A 172 -4.25 -11.26 -12.20
C GLN A 172 -4.48 -12.75 -11.98
N ASN A 173 -3.85 -13.34 -10.95
CA ASN A 173 -3.94 -14.77 -10.65
C ASN A 173 -3.24 -15.64 -11.69
N LYS A 174 -2.36 -15.07 -12.50
CA LYS A 174 -1.54 -15.86 -13.42
C LYS A 174 -0.29 -16.29 -12.67
N ILE A 175 -0.50 -17.28 -11.80
CA ILE A 175 0.44 -17.55 -10.69
C ILE A 175 1.71 -18.18 -11.21
N ALA A 176 1.57 -19.31 -11.94
CA ALA A 176 2.75 -19.94 -12.52
C ALA A 176 3.51 -18.97 -13.43
N GLU A 177 2.79 -18.19 -14.25
CA GLU A 177 3.46 -17.32 -15.20
C GLU A 177 4.27 -16.24 -14.51
N SER A 178 3.79 -15.74 -13.34
CA SER A 178 4.43 -14.64 -12.61
C SER A 178 5.77 -15.05 -12.02
N ILE A 179 5.94 -16.35 -11.73
CA ILE A 179 7.10 -16.77 -10.94
C ILE A 179 8.41 -16.47 -11.64
N PRO A 180 8.65 -16.90 -12.88
CA PRO A 180 9.94 -16.56 -13.52
C PRO A 180 10.20 -15.05 -13.59
N TYR A 181 9.17 -14.22 -13.83
CA TYR A 181 9.38 -12.78 -13.92
C TYR A 181 9.82 -12.20 -12.59
N LEU A 182 9.10 -12.56 -11.51
CA LEU A 182 9.43 -12.10 -10.16
C LEU A 182 10.81 -12.58 -9.75
N LYS A 183 11.10 -13.88 -9.98
CA LYS A 183 12.39 -14.46 -9.62
C LYS A 183 13.54 -13.84 -10.42
N GLU A 184 13.43 -13.78 -11.74
CA GLU A 184 14.55 -13.25 -12.53
C GLU A 184 14.74 -11.75 -12.25
N GLY A 185 13.63 -11.05 -11.96
CA GLY A 185 13.74 -9.61 -11.71
C GLY A 185 14.48 -9.33 -10.42
N ILE A 186 14.15 -10.07 -9.34
CA ILE A 186 14.88 -9.92 -8.09
C ILE A 186 16.33 -10.34 -8.27
N GLU A 187 16.55 -11.44 -8.96
CA GLU A 187 17.91 -11.91 -9.17
C GLU A 187 18.71 -10.96 -10.05
N SER A 188 18.03 -10.18 -10.92
CA SER A 188 18.75 -9.21 -11.76
C SER A 188 19.57 -8.25 -10.90
N GLY A 189 19.05 -7.95 -9.69
CA GLY A 189 19.70 -6.98 -8.85
C GLY A 189 19.63 -5.57 -9.38
N ASP A 190 18.72 -5.30 -10.33
CA ASP A 190 18.63 -3.99 -10.92
C ASP A 190 18.02 -3.01 -9.91
N PRO A 191 18.34 -1.73 -10.03
CA PRO A 191 17.72 -0.75 -9.13
C PRO A 191 16.20 -0.84 -9.18
N GLY A 192 15.59 -0.93 -8.00
CA GLY A 192 14.15 -1.02 -7.88
C GLY A 192 13.62 -2.43 -7.70
N THR A 193 14.48 -3.43 -7.83
CA THR A 193 14.04 -4.80 -7.72
C THR A 193 14.11 -5.33 -6.29
N ASP A 194 14.96 -4.73 -5.44
CA ASP A 194 15.10 -5.18 -4.05
C ASP A 194 13.98 -4.51 -3.27
N ASP A 195 12.80 -5.07 -3.41
CA ASP A 195 11.56 -4.54 -2.86
C ASP A 195 10.72 -5.64 -2.27
N GLY A 196 10.29 -5.44 -1.00
CA GLY A 196 9.57 -6.47 -0.29
C GLY A 196 8.34 -6.99 -1.00
N ARG A 197 7.68 -6.15 -1.79
CA ARG A 197 6.49 -6.58 -2.50
C ARG A 197 6.80 -7.76 -3.40
N PHE A 198 8.00 -7.80 -4.00
CA PHE A 198 8.33 -8.85 -4.96
C PHE A 198 8.76 -10.13 -4.25
N TYR A 199 9.52 -10.00 -3.14
CA TYR A 199 9.79 -11.16 -2.31
C TYR A 199 8.48 -11.77 -1.79
N PHE A 200 7.57 -10.89 -1.33
CA PHE A 200 6.32 -11.31 -0.75
C PHE A 200 5.49 -12.11 -1.76
N HIS A 201 5.33 -11.57 -2.95
CA HIS A 201 4.46 -12.20 -3.93
C HIS A 201 5.13 -13.38 -4.66
N LEU A 202 6.45 -13.39 -4.75
CA LEU A 202 7.13 -14.54 -5.33
C LEU A 202 6.97 -15.74 -4.43
N GLY A 203 7.23 -15.58 -3.13
CA GLY A 203 7.04 -16.70 -2.23
C GLY A 203 5.60 -17.15 -2.15
N ASP A 204 4.68 -16.20 -2.21
CA ASP A 204 3.26 -16.56 -2.19
C ASP A 204 2.88 -17.39 -3.41
N ALA A 205 3.32 -16.96 -4.60
CA ALA A 205 2.99 -17.69 -5.81
C ALA A 205 3.57 -19.08 -5.77
N MET A 206 4.79 -19.20 -5.23
CA MET A 206 5.38 -20.53 -5.07
C MET A 206 4.55 -21.44 -4.15
N GLN A 207 4.13 -20.92 -3.01
CA GLN A 207 3.31 -21.72 -2.10
C GLN A 207 2.07 -22.22 -2.81
N ARG A 208 1.43 -21.36 -3.59
CA ARG A 208 0.21 -21.74 -4.28
C ARG A 208 0.39 -22.86 -5.29
N VAL A 209 1.59 -23.01 -5.87
CA VAL A 209 1.83 -24.06 -6.86
C VAL A 209 2.60 -25.24 -6.25
N GLY A 210 2.86 -25.23 -4.94
CA GLY A 210 3.54 -26.33 -4.26
C GLY A 210 5.04 -26.28 -4.34
N ASN A 211 5.62 -25.20 -4.86
CA ASN A 211 7.08 -25.07 -4.96
C ASN A 211 7.68 -24.88 -3.58
N LYS A 212 8.51 -25.84 -3.15
CA LYS A 212 9.06 -25.83 -1.79
C LYS A 212 10.09 -24.73 -1.57
N GLU A 213 10.53 -24.02 -2.62
CA GLU A 213 11.54 -23.00 -2.46
C GLU A 213 10.99 -21.69 -1.91
N ALA A 214 9.68 -21.64 -1.63
CA ALA A 214 9.06 -20.37 -1.27
C ALA A 214 9.75 -19.72 -0.09
N TYR A 215 10.05 -20.50 0.95
CA TYR A 215 10.64 -19.94 2.15
C TYR A 215 12.10 -19.58 1.99
N LYS A 216 12.77 -20.07 0.95
CA LYS A 216 14.08 -19.53 0.61
C LYS A 216 13.97 -18.02 0.36
N TRP A 217 12.94 -17.60 -0.36
CA TRP A 217 12.80 -16.19 -0.68
C TRP A 217 12.30 -15.38 0.49
N TYR A 218 11.42 -15.97 1.31
CA TYR A 218 11.06 -15.34 2.57
C TYR A 218 12.30 -15.11 3.42
N GLU A 219 13.20 -16.10 3.48
CA GLU A 219 14.38 -15.94 4.31
C GLU A 219 15.30 -14.87 3.74
N LEU A 220 15.34 -14.75 2.40
CA LEU A 220 16.21 -13.74 1.80
C LEU A 220 15.58 -12.36 1.91
N GLY A 221 14.24 -12.30 1.85
CA GLY A 221 13.54 -11.06 2.13
C GLY A 221 13.71 -10.58 3.57
N HIS A 222 13.64 -11.51 4.53
CA HIS A 222 14.02 -11.20 5.91
C HIS A 222 15.47 -10.71 6.00
N LYS A 223 16.41 -11.47 5.44
CA LYS A 223 17.82 -11.09 5.55
C LYS A 223 18.04 -9.69 4.99
N ARG A 224 17.30 -9.30 3.93
CA ARG A 224 17.46 -7.99 3.31
C ARG A 224 16.52 -6.94 3.90
N GLY A 225 15.91 -7.23 5.05
CA GLY A 225 15.21 -6.21 5.82
C GLY A 225 13.81 -5.88 5.36
N HIS A 226 13.21 -6.67 4.50
CA HIS A 226 11.84 -6.38 4.08
C HIS A 226 10.79 -6.96 5.03
N PHE A 227 11.10 -8.08 5.67
CA PHE A 227 10.16 -8.75 6.56
C PHE A 227 10.72 -8.75 7.98
N ALA A 228 9.85 -8.49 8.97
CA ALA A 228 10.30 -8.60 10.35
C ALA A 228 10.83 -10.00 10.63
N SER A 229 10.26 -11.01 9.99
CA SER A 229 10.73 -12.38 10.13
C SER A 229 10.18 -13.19 8.95
N VAL A 230 10.55 -14.46 8.91
CA VAL A 230 10.08 -15.36 7.86
C VAL A 230 8.55 -15.56 7.95
N TRP A 231 7.99 -15.54 9.15
CA TRP A 231 6.56 -15.77 9.30
C TRP A 231 5.74 -14.48 9.29
N GLN A 232 6.33 -13.35 9.63
CA GLN A 232 5.60 -12.08 9.78
C GLN A 232 6.04 -11.18 8.64
N ARG A 233 5.22 -11.12 7.58
CA ARG A 233 5.69 -10.58 6.30
C ARG A 233 4.91 -9.35 5.87
N SER A 234 4.18 -8.73 6.81
CA SER A 234 3.58 -7.42 6.56
C SER A 234 4.64 -6.40 6.12
N LEU A 235 4.18 -5.39 5.39
CA LEU A 235 5.05 -4.41 4.75
C LEU A 235 4.75 -2.99 5.17
N TYR A 236 3.70 -2.74 5.96
CA TYR A 236 3.42 -1.39 6.47
C TYR A 236 3.48 -1.49 7.98
N ASN A 237 4.67 -1.24 8.53
CA ASN A 237 4.94 -1.62 9.91
C ASN A 237 5.45 -0.44 10.74
N VAL A 238 5.12 -0.48 12.02
CA VAL A 238 5.84 0.28 13.03
C VAL A 238 6.80 -0.72 13.70
N ASN A 239 8.09 -0.51 13.54
CA ASN A 239 9.06 -1.46 14.08
C ASN A 239 9.08 -1.38 15.59
N GLY A 240 9.36 -2.53 16.22
CA GLY A 240 9.34 -2.60 17.68
C GLY A 240 8.06 -3.13 18.32
N LEU A 241 6.96 -3.22 17.58
CA LEU A 241 5.73 -3.70 18.19
C LEU A 241 5.86 -5.21 18.51
N LYS A 242 5.51 -5.58 19.73
CA LYS A 242 5.45 -6.98 20.13
C LYS A 242 4.84 -7.83 19.03
N ALA A 243 5.58 -8.86 18.59
CA ALA A 243 5.23 -9.71 17.46
C ALA A 243 5.05 -11.12 17.99
N GLN A 244 3.85 -11.64 17.85
CA GLN A 244 3.42 -12.88 18.50
C GLN A 244 2.19 -13.30 17.70
N PRO A 245 2.10 -14.56 17.24
CA PRO A 245 0.94 -14.93 16.38
C PRO A 245 -0.40 -14.91 17.12
N TRP A 246 -0.44 -15.37 18.39
CA TRP A 246 -1.68 -15.48 19.16
C TRP A 246 -1.57 -14.66 20.45
N TRP A 247 -2.66 -13.98 20.79
CA TRP A 247 -2.75 -13.11 21.94
C TRP A 247 -3.90 -13.52 22.84
N THR A 248 -3.66 -13.42 24.15
CA THR A 248 -4.78 -13.52 25.06
C THR A 248 -5.43 -12.15 25.21
N PRO A 249 -6.70 -12.10 25.66
CA PRO A 249 -7.32 -10.80 25.98
C PRO A 249 -6.51 -9.94 26.94
N LYS A 250 -5.99 -10.53 28.02
CA LYS A 250 -5.23 -9.73 28.96
C LYS A 250 -3.94 -9.20 28.32
N GLU A 251 -3.34 -9.97 27.38
CA GLU A 251 -2.10 -9.47 26.77
C GLU A 251 -2.39 -8.25 25.91
N THR A 252 -3.62 -8.13 25.36
CA THR A 252 -3.91 -6.99 24.51
C THR A 252 -4.28 -5.77 25.33
N GLY A 253 -4.79 -5.98 26.57
CA GLY A 253 -5.35 -4.91 27.37
C GLY A 253 -6.75 -4.50 27.01
N TYR A 254 -7.32 -5.04 25.95
CA TYR A 254 -8.71 -4.76 25.55
C TYR A 254 -9.72 -5.73 26.18
N THR A 255 -9.65 -5.85 27.52
CA THR A 255 -10.51 -6.81 28.23
C THR A 255 -11.97 -6.39 28.24
N GLU A 256 -12.25 -5.07 28.29
CA GLU A 256 -13.64 -4.64 28.27
C GLU A 256 -14.27 -4.89 26.90
N LEU A 257 -13.52 -4.65 25.79
CA LEU A 257 -14.06 -4.98 24.47
C LEU A 257 -14.34 -6.46 24.36
N VAL A 258 -13.39 -7.31 24.82
CA VAL A 258 -13.59 -8.76 24.69
C VAL A 258 -14.83 -9.22 25.49
N LYS A 259 -14.99 -8.67 26.69
CA LYS A 259 -16.14 -9.00 27.54
C LYS A 259 -17.42 -8.58 26.86
N SER A 260 -17.44 -7.39 26.28
CA SER A 260 -18.65 -6.97 25.59
C SER A 260 -19.01 -7.87 24.41
N LEU A 261 -18.04 -8.26 23.61
CA LEU A 261 -18.28 -9.16 22.49
C LEU A 261 -18.83 -10.50 22.98
N GLU A 262 -18.18 -11.07 24.00
CA GLU A 262 -18.55 -12.38 24.48
C GLU A 262 -19.92 -12.35 25.19
N ARG A 263 -20.19 -11.34 26.02
CA ARG A 263 -21.42 -11.29 26.77
C ARG A 263 -22.62 -10.99 25.90
N ASN A 264 -22.44 -10.23 24.80
CA ASN A 264 -23.53 -9.87 23.91
C ASN A 264 -23.47 -10.67 22.59
N TRP A 265 -22.86 -11.86 22.59
CA TRP A 265 -22.57 -12.52 21.29
C TRP A 265 -23.84 -12.89 20.53
N LYS A 266 -24.93 -13.31 21.26
CA LYS A 266 -26.11 -13.82 20.60
C LYS A 266 -26.77 -12.71 19.82
N LEU A 267 -26.76 -11.49 20.39
N LEU A 267 -26.75 -11.49 20.39
CA LEU A 267 -27.29 -10.34 19.67
CA LEU A 267 -27.27 -10.31 19.67
C LEU A 267 -26.48 -10.04 18.39
C LEU A 267 -26.48 -10.01 18.40
N ILE A 268 -25.16 -10.13 18.47
CA ILE A 268 -24.29 -9.91 17.32
C ILE A 268 -24.59 -10.96 16.26
N ARG A 269 -24.66 -12.22 16.70
CA ARG A 269 -25.07 -13.33 15.85
C ARG A 269 -26.37 -13.04 15.15
N ASP A 270 -27.41 -12.68 15.93
CA ASP A 270 -28.76 -12.66 15.40
C ASP A 270 -28.91 -11.56 14.37
N GLU A 271 -28.19 -10.40 14.56
CA GLU A 271 -28.25 -9.36 13.54
C GLU A 271 -27.56 -9.85 12.27
N GLY A 272 -26.40 -10.55 12.37
CA GLY A 272 -25.79 -11.09 11.18
C GLY A 272 -26.68 -12.09 10.47
N LEU A 273 -27.37 -12.97 11.23
CA LEU A 273 -28.31 -13.94 10.64
C LEU A 273 -29.49 -13.25 9.95
N ALA A 274 -29.97 -12.14 10.54
CA ALA A 274 -31.08 -11.43 9.90
C ALA A 274 -30.64 -10.85 8.57
N VAL A 275 -29.42 -10.29 8.51
CA VAL A 275 -28.88 -9.80 7.24
C VAL A 275 -28.71 -10.95 6.25
N MET A 276 -28.13 -12.09 6.67
CA MET A 276 -28.14 -13.25 5.79
C MET A 276 -29.50 -13.59 5.22
N ASP A 277 -30.57 -13.47 6.04
CA ASP A 277 -31.88 -13.97 5.65
C ASP A 277 -32.59 -12.97 4.76
N LYS A 278 -32.40 -11.69 5.02
CA LYS A 278 -33.28 -10.67 4.43
C LYS A 278 -32.53 -9.62 3.64
N ALA A 279 -31.20 -9.59 3.73
CA ALA A 279 -30.42 -8.53 3.07
C ALA A 279 -29.05 -9.12 2.70
N LYS A 280 -29.09 -10.26 1.96
CA LYS A 280 -27.86 -11.04 1.80
C LYS A 280 -26.87 -10.33 0.90
N GLY A 281 -27.35 -9.41 0.05
CA GLY A 281 -26.47 -8.61 -0.77
C GLY A 281 -25.52 -7.71 -0.03
N LEU A 282 -25.76 -7.45 1.25
CA LEU A 282 -24.78 -6.73 2.08
C LEU A 282 -23.52 -7.56 2.29
N PHE A 283 -23.59 -8.87 2.17
CA PHE A 283 -22.42 -9.74 2.25
C PHE A 283 -21.77 -9.74 0.85
N LEU A 284 -20.54 -9.33 0.76
CA LEU A 284 -19.80 -9.25 -0.47
C LEU A 284 -18.73 -10.33 -0.54
N PRO A 285 -18.58 -10.98 -1.68
CA PRO A 285 -17.54 -12.02 -1.78
C PRO A 285 -16.16 -11.43 -1.54
N GLU A 286 -15.31 -12.22 -0.88
CA GLU A 286 -13.94 -11.80 -0.69
C GLU A 286 -13.27 -11.60 -2.07
N ASP A 287 -12.56 -10.51 -2.24
CA ASP A 287 -12.11 -10.13 -3.58
C ASP A 287 -10.62 -9.80 -3.60
N GLU A 288 -9.79 -10.57 -2.86
CA GLU A 288 -8.37 -10.30 -2.83
C GLU A 288 -7.59 -11.51 -3.30
N ASN A 289 -8.23 -12.37 -4.05
CA ASN A 289 -7.66 -13.59 -4.61
C ASN A 289 -7.07 -14.46 -3.52
N LEU A 290 -7.73 -14.50 -2.34
CA LEU A 290 -7.17 -15.29 -1.25
C LEU A 290 -7.64 -16.72 -1.17
N ARG A 291 -8.63 -17.13 -1.97
CA ARG A 291 -9.18 -18.48 -1.88
C ARG A 291 -8.59 -19.42 -2.94
N GLU A 292 -8.23 -20.63 -2.50
CA GLU A 292 -8.02 -21.69 -3.46
C GLU A 292 -9.37 -22.13 -4.06
N LYS A 293 -10.42 -22.16 -3.25
CA LYS A 293 -11.74 -22.70 -3.63
C LYS A 293 -12.73 -22.36 -2.49
N GLY A 294 -14.02 -22.47 -2.80
CA GLY A 294 -15.05 -22.29 -1.78
C GLY A 294 -15.64 -20.88 -1.79
N ASP A 295 -16.62 -20.70 -0.94
CA ASP A 295 -17.43 -19.49 -0.86
C ASP A 295 -17.15 -18.82 0.49
N TRP A 296 -16.82 -17.55 0.42
CA TRP A 296 -16.47 -16.70 1.55
C TRP A 296 -16.91 -15.29 1.21
N SER A 297 -17.73 -14.72 2.08
CA SER A 297 -18.20 -13.35 1.96
C SER A 297 -18.13 -12.61 3.31
N GLN A 298 -18.19 -11.30 3.25
CA GLN A 298 -18.03 -10.48 4.41
C GLN A 298 -19.00 -9.33 4.31
N PHE A 299 -19.48 -8.93 5.50
CA PHE A 299 -20.46 -7.85 5.69
C PHE A 299 -19.76 -6.84 6.62
N THR A 300 -19.35 -5.70 6.06
CA THR A 300 -18.44 -4.78 6.73
C THR A 300 -19.20 -3.60 7.37
N LEU A 301 -19.02 -3.41 8.68
CA LEU A 301 -19.63 -2.35 9.45
C LEU A 301 -18.71 -1.14 9.57
N TRP A 302 -17.37 -1.36 9.72
CA TRP A 302 -16.37 -0.29 9.73
C TRP A 302 -15.20 -0.70 8.83
N GLN A 303 -14.66 0.25 8.12
CA GLN A 303 -13.36 0.11 7.42
C GLN A 303 -12.60 1.42 7.51
N GLN A 304 -11.29 1.31 7.68
CA GLN A 304 -10.43 2.47 7.78
C GLN A 304 -10.94 3.48 8.81
N GLY A 305 -11.53 2.97 9.91
CA GLY A 305 -11.94 3.84 10.97
C GLY A 305 -13.21 4.63 10.67
N ARG A 306 -13.95 4.24 9.64
CA ARG A 306 -15.15 4.94 9.19
C ARG A 306 -16.34 3.96 9.22
N ARG A 307 -17.41 4.37 9.90
CA ARG A 307 -18.65 3.60 10.00
C ARG A 307 -19.37 3.61 8.64
N ASN A 308 -19.76 2.42 8.17
CA ASN A 308 -20.63 2.31 7.01
C ASN A 308 -22.06 2.45 7.52
N GLU A 309 -22.68 3.62 7.28
CA GLU A 309 -23.97 3.92 7.89
C GLU A 309 -25.07 3.01 7.35
N ASN A 310 -25.06 2.74 6.03
CA ASN A 310 -26.05 1.83 5.47
C ASN A 310 -25.89 0.44 6.04
N ALA A 311 -24.66 -0.04 6.10
CA ALA A 311 -24.41 -1.35 6.68
C ALA A 311 -24.89 -1.45 8.12
N CYS A 312 -24.62 -0.41 8.94
CA CYS A 312 -25.07 -0.44 10.32
C CYS A 312 -26.59 -0.46 10.46
N LYS A 313 -27.35 0.00 9.46
CA LYS A 313 -28.79 -0.21 9.48
C LYS A 313 -29.17 -1.67 9.61
N GLY A 314 -28.32 -2.56 9.08
CA GLY A 314 -28.57 -3.99 9.22
C GLY A 314 -28.10 -4.59 10.52
N ALA A 315 -27.19 -3.93 11.25
CA ALA A 315 -26.74 -4.43 12.56
C ALA A 315 -26.72 -3.29 13.58
N PRO A 316 -27.88 -2.67 13.78
CA PRO A 316 -27.90 -1.40 14.52
C PRO A 316 -27.47 -1.56 15.98
N LYS A 317 -27.89 -2.64 16.66
CA LYS A 317 -27.51 -2.80 18.07
C LYS A 317 -26.00 -3.11 18.15
N THR A 318 -25.49 -3.96 17.26
CA THR A 318 -24.07 -4.29 17.22
C THR A 318 -23.24 -3.03 16.96
N CYS A 319 -23.69 -2.18 16.02
CA CYS A 319 -22.95 -0.93 15.80
C CYS A 319 -22.98 -0.02 17.03
N THR A 320 -24.13 0.06 17.70
CA THR A 320 -24.23 0.88 18.93
C THR A 320 -23.30 0.34 20.01
N LEU A 321 -23.24 -0.98 20.13
CA LEU A 321 -22.39 -1.60 21.15
C LEU A 321 -20.91 -1.27 20.88
N LEU A 322 -20.47 -1.37 19.61
CA LEU A 322 -19.08 -1.15 19.24
C LEU A 322 -18.65 0.31 19.39
N GLU A 323 -19.59 1.27 19.31
CA GLU A 323 -19.27 2.69 19.38
C GLU A 323 -18.57 3.04 20.67
N LYS A 324 -18.71 2.24 21.72
N LYS A 324 -18.72 2.23 21.72
CA LYS A 324 -18.04 2.54 22.98
CA LYS A 324 -18.05 2.50 22.98
C LYS A 324 -16.56 2.17 22.96
C LYS A 324 -16.58 2.13 22.97
N PHE A 325 -16.06 1.53 21.90
CA PHE A 325 -14.69 1.03 21.85
C PHE A 325 -13.92 1.65 20.67
N PRO A 326 -13.40 2.86 20.88
CA PRO A 326 -12.61 3.50 19.82
C PRO A 326 -11.35 2.72 19.44
N GLU A 327 -10.87 1.82 20.32
CA GLU A 327 -9.70 1.04 19.92
C GLU A 327 -10.00 0.19 18.68
N THR A 328 -11.28 -0.07 18.36
CA THR A 328 -11.65 -0.70 17.11
C THR A 328 -12.35 0.24 16.15
N THR A 329 -13.30 1.04 16.61
CA THR A 329 -14.02 1.87 15.64
C THR A 329 -13.10 2.93 15.01
N GLY A 330 -12.01 3.28 15.68
CA GLY A 330 -11.03 4.23 15.20
C GLY A 330 -9.77 3.56 14.65
N CYS A 331 -9.75 2.22 14.53
CA CYS A 331 -8.63 1.52 13.93
C CYS A 331 -8.67 1.69 12.41
N ARG A 332 -7.95 2.73 11.94
CA ARG A 332 -7.88 3.05 10.52
C ARG A 332 -7.02 2.08 9.73
N ARG A 333 -6.40 1.10 10.36
CA ARG A 333 -5.77 -0.01 9.67
C ARG A 333 -6.48 -1.35 9.95
N GLY A 334 -7.78 -1.29 10.18
CA GLY A 334 -8.53 -2.50 10.39
C GLY A 334 -9.97 -2.36 9.93
N GLN A 335 -10.73 -3.39 10.14
CA GLN A 335 -12.15 -3.40 9.85
C GLN A 335 -12.91 -3.97 11.06
N ILE A 336 -14.23 -3.83 11.00
CA ILE A 336 -15.18 -4.57 11.79
C ILE A 336 -16.15 -5.19 10.79
N LYS A 337 -16.27 -6.52 10.80
CA LYS A 337 -17.04 -7.16 9.75
C LYS A 337 -17.47 -8.59 10.14
N TYR A 338 -18.66 -8.96 9.68
CA TYR A 338 -19.07 -10.37 9.71
C TYR A 338 -18.37 -11.10 8.58
N SER A 339 -18.00 -12.36 8.84
CA SER A 339 -17.41 -13.20 7.86
C SER A 339 -18.09 -14.57 7.83
N ILE A 340 -18.68 -14.89 6.70
CA ILE A 340 -19.36 -16.17 6.49
C ILE A 340 -18.52 -17.03 5.55
N MET A 341 -18.28 -18.27 5.92
CA MET A 341 -17.55 -19.20 5.08
C MET A 341 -18.30 -20.51 5.03
N HIS A 342 -18.39 -21.10 3.85
CA HIS A 342 -19.17 -22.30 3.58
C HIS A 342 -18.26 -23.50 3.34
N PRO A 343 -18.82 -24.72 3.37
CA PRO A 343 -18.00 -25.92 3.19
C PRO A 343 -17.30 -25.95 1.85
N GLY A 344 -16.20 -26.70 1.80
CA GLY A 344 -15.37 -26.76 0.62
C GLY A 344 -14.49 -25.54 0.41
N THR A 345 -14.25 -24.74 1.45
CA THR A 345 -13.45 -23.53 1.31
C THR A 345 -12.06 -23.79 1.87
N HIS A 346 -11.03 -23.32 1.14
CA HIS A 346 -9.66 -23.29 1.63
C HIS A 346 -9.11 -21.93 1.29
N VAL A 347 -8.67 -21.17 2.30
CA VAL A 347 -8.06 -19.87 2.10
C VAL A 347 -6.56 -20.14 2.09
N TRP A 348 -5.90 -19.68 1.03
CA TRP A 348 -4.46 -19.88 0.91
C TRP A 348 -3.71 -19.31 2.12
N PRO A 349 -2.53 -19.84 2.45
CA PRO A 349 -1.62 -19.09 3.31
C PRO A 349 -1.47 -17.65 2.83
N HIS A 350 -1.62 -16.70 3.77
CA HIS A 350 -1.46 -15.29 3.43
C HIS A 350 -1.14 -14.48 4.68
N THR A 351 -0.78 -13.22 4.45
CA THR A 351 -0.43 -12.28 5.50
C THR A 351 -1.25 -11.05 5.22
N GLY A 352 -1.70 -10.38 6.26
CA GLY A 352 -2.20 -9.03 6.16
C GLY A 352 -1.11 -7.98 5.93
N PRO A 353 -1.52 -6.75 5.63
CA PRO A 353 -0.54 -5.74 5.17
C PRO A 353 0.25 -5.04 6.27
N THR A 354 -0.20 -5.07 7.54
CA THR A 354 0.36 -4.18 8.54
C THR A 354 0.50 -4.93 9.85
N ASN A 355 1.59 -4.66 10.57
CA ASN A 355 1.70 -5.16 11.93
C ASN A 355 1.03 -4.24 12.96
N CYS A 356 0.29 -3.24 12.49
CA CYS A 356 -0.27 -2.24 13.39
C CYS A 356 -1.65 -2.62 13.96
N ARG A 357 -2.19 -3.79 13.60
CA ARG A 357 -3.46 -4.22 14.12
C ARG A 357 -3.35 -5.63 14.68
N LEU A 358 -4.32 -5.96 15.55
CA LEU A 358 -4.59 -7.33 15.95
C LEU A 358 -6.03 -7.61 15.56
N ARG A 359 -6.34 -8.87 15.32
CA ARG A 359 -7.69 -9.25 14.88
C ARG A 359 -8.33 -10.14 15.92
N MET A 360 -9.48 -9.67 16.43
CA MET A 360 -10.37 -10.50 17.24
C MET A 360 -11.38 -11.21 16.35
N HIS A 361 -11.56 -12.51 16.58
CA HIS A 361 -12.63 -13.28 15.99
C HIS A 361 -13.59 -13.78 17.07
N LEU A 362 -14.87 -13.39 16.97
CA LEU A 362 -15.91 -13.82 17.86
C LEU A 362 -16.73 -14.92 17.10
N GLY A 363 -16.75 -16.13 17.66
CA GLY A 363 -17.55 -17.22 17.08
C GLY A 363 -19.03 -16.93 17.19
N LEU A 364 -19.76 -17.04 16.06
CA LEU A 364 -21.21 -16.83 16.09
C LEU A 364 -21.98 -18.09 15.73
N VAL A 365 -21.66 -18.75 14.61
CA VAL A 365 -22.23 -20.03 14.23
C VAL A 365 -21.06 -20.87 13.84
N ILE A 366 -20.72 -21.85 14.66
CA ILE A 366 -19.52 -22.63 14.43
C ILE A 366 -19.91 -24.10 14.37
N PRO A 367 -19.84 -24.74 13.21
CA PRO A 367 -20.12 -26.18 13.16
C PRO A 367 -19.17 -26.92 14.09
N LYS A 368 -19.63 -28.07 14.62
CA LYS A 368 -18.82 -28.80 15.58
C LYS A 368 -17.53 -29.31 14.95
N GLU A 369 -17.53 -29.61 13.65
N GLU A 369 -17.53 -29.61 13.65
CA GLU A 369 -16.37 -30.18 12.97
CA GLU A 369 -16.36 -30.17 12.98
C GLU A 369 -16.10 -29.44 11.67
C GLU A 369 -16.10 -29.44 11.67
N GLY A 370 -14.83 -29.43 11.25
CA GLY A 370 -14.46 -28.98 9.92
C GLY A 370 -13.91 -27.58 9.77
N CYS A 371 -13.94 -26.73 10.80
CA CYS A 371 -13.49 -25.33 10.68
C CYS A 371 -12.28 -25.12 11.56
N LYS A 372 -11.21 -24.59 10.97
CA LYS A 372 -10.01 -24.33 11.75
C LYS A 372 -9.21 -23.23 11.06
N ILE A 373 -8.40 -22.56 11.88
CA ILE A 373 -7.51 -21.51 11.42
C ILE A 373 -6.11 -21.77 11.99
N ARG A 374 -5.13 -21.81 11.10
CA ARG A 374 -3.71 -21.87 11.47
C ARG A 374 -3.12 -20.47 11.35
N CYS A 375 -2.38 -20.05 12.39
CA CYS A 375 -1.54 -18.86 12.32
C CYS A 375 -0.15 -19.25 12.74
N ALA A 376 0.81 -19.02 11.84
CA ALA A 376 2.19 -19.47 12.00
C ALA A 376 2.22 -20.96 12.33
N ASN A 377 2.72 -21.31 13.50
CA ASN A 377 2.93 -22.70 13.89
C ASN A 377 1.91 -23.20 14.92
N GLU A 378 0.66 -22.77 14.83
CA GLU A 378 -0.34 -23.12 15.83
C GLU A 378 -1.72 -23.00 15.21
N THR A 379 -2.49 -24.08 15.31
CA THR A 379 -3.80 -24.18 14.67
C THR A 379 -4.87 -24.25 15.74
N LYS A 380 -5.94 -23.47 15.58
CA LYS A 380 -7.00 -23.35 16.54
C LYS A 380 -8.38 -23.42 15.88
N THR A 381 -9.40 -23.56 16.73
CA THR A 381 -10.78 -23.56 16.29
C THR A 381 -11.53 -22.43 16.97
N TRP A 382 -12.63 -22.02 16.35
CA TRP A 382 -13.54 -21.06 16.93
C TRP A 382 -14.51 -21.75 17.90
N GLU A 383 -15.10 -20.95 18.79
CA GLU A 383 -16.19 -21.39 19.68
C GLU A 383 -17.24 -20.30 19.70
N GLU A 384 -18.50 -20.73 19.61
CA GLU A 384 -19.62 -19.80 19.70
C GLU A 384 -19.58 -19.00 21.01
N GLY A 385 -19.64 -17.69 20.90
CA GLY A 385 -19.57 -16.79 22.03
C GLY A 385 -18.22 -16.57 22.64
N LYS A 386 -17.17 -17.01 21.98
CA LYS A 386 -15.81 -16.83 22.48
C LYS A 386 -14.95 -16.10 21.47
N VAL A 387 -13.98 -15.33 21.99
CA VAL A 387 -13.09 -14.52 21.15
C VAL A 387 -11.74 -15.20 21.06
N LEU A 388 -11.26 -15.35 19.84
CA LEU A 388 -9.87 -15.65 19.50
C LEU A 388 -9.19 -14.36 19.05
N ILE A 389 -7.89 -14.22 19.34
CA ILE A 389 -7.11 -13.06 18.96
C ILE A 389 -5.77 -13.52 18.36
N PHE A 390 -5.49 -13.07 17.14
CA PHE A 390 -4.22 -13.35 16.49
C PHE A 390 -3.74 -12.08 15.75
N ASP A 391 -2.48 -12.13 15.38
CA ASP A 391 -1.81 -11.05 14.67
C ASP A 391 -1.76 -11.52 13.18
N ASP A 392 -2.63 -10.95 12.37
CA ASP A 392 -2.75 -11.43 10.97
C ASP A 392 -1.58 -10.97 10.08
N SER A 393 -0.60 -10.27 10.66
CA SER A 393 0.64 -10.01 9.96
C SER A 393 1.52 -11.24 9.89
N PHE A 394 1.19 -12.29 10.60
CA PHE A 394 1.84 -13.58 10.51
C PHE A 394 1.07 -14.41 9.50
N GLU A 395 1.78 -15.23 8.74
CA GLU A 395 1.12 -16.13 7.80
C GLU A 395 0.04 -16.92 8.51
N HIS A 396 -1.14 -16.99 7.88
CA HIS A 396 -2.26 -17.79 8.41
C HIS A 396 -3.11 -18.35 7.25
N GLU A 397 -3.90 -19.36 7.58
CA GLU A 397 -4.55 -20.22 6.61
C GLU A 397 -5.85 -20.74 7.24
N VAL A 398 -6.86 -20.92 6.42
CA VAL A 398 -8.16 -21.34 6.95
C VAL A 398 -8.80 -22.41 6.06
N TRP A 399 -9.50 -23.35 6.70
CA TRP A 399 -10.23 -24.41 6.05
C TRP A 399 -11.66 -24.42 6.62
N GLN A 400 -12.61 -24.77 5.76
CA GLN A 400 -14.01 -24.95 6.07
C GLN A 400 -14.44 -26.28 5.40
N ASP A 401 -14.51 -27.34 6.18
CA ASP A 401 -14.98 -28.64 5.69
C ASP A 401 -16.11 -29.21 6.54
N ALA A 402 -16.96 -28.35 7.04
CA ALA A 402 -18.14 -28.74 7.78
C ALA A 402 -19.24 -29.14 6.78
N SER A 403 -20.47 -29.26 7.26
CA SER A 403 -21.62 -29.59 6.41
C SER A 403 -22.62 -28.46 6.39
N SER A 404 -22.24 -27.30 6.91
CA SER A 404 -23.09 -26.11 6.91
C SER A 404 -22.20 -24.88 7.16
N PHE A 405 -22.78 -23.69 7.12
CA PHE A 405 -22.07 -22.45 7.12
C PHE A 405 -21.43 -22.18 8.48
N ARG A 406 -20.38 -21.37 8.44
CA ARG A 406 -19.65 -20.88 9.60
C ARG A 406 -19.60 -19.35 9.59
N LEU A 407 -20.10 -18.77 10.67
CA LEU A 407 -20.22 -17.32 10.78
C LEU A 407 -19.37 -16.85 11.97
N ILE A 408 -18.49 -15.91 11.70
CA ILE A 408 -17.70 -15.26 12.74
C ILE A 408 -17.86 -13.75 12.58
N PHE A 409 -17.43 -13.05 13.60
CA PHE A 409 -17.39 -11.59 13.66
C PHE A 409 -15.96 -11.16 13.94
N ILE A 410 -15.44 -10.29 13.09
CA ILE A 410 -14.03 -9.88 13.08
C ILE A 410 -13.97 -8.45 13.55
N VAL A 411 -13.23 -8.22 14.61
CA VAL A 411 -13.09 -6.90 15.25
C VAL A 411 -11.59 -6.61 15.31
N ASP A 412 -11.14 -5.70 14.49
CA ASP A 412 -9.73 -5.34 14.46
C ASP A 412 -9.45 -4.22 15.47
N VAL A 413 -8.35 -4.34 16.18
CA VAL A 413 -7.92 -3.33 17.13
C VAL A 413 -6.50 -2.85 16.81
N TRP A 414 -6.21 -1.58 17.14
CA TRP A 414 -4.85 -1.09 17.14
C TRP A 414 -3.99 -2.03 17.97
N HIS A 415 -2.83 -2.41 17.43
CA HIS A 415 -1.80 -3.00 18.27
C HIS A 415 -1.68 -2.22 19.58
N PRO A 416 -1.66 -2.89 20.73
CA PRO A 416 -1.81 -2.16 22.00
C PRO A 416 -0.59 -1.27 22.36
N GLU A 417 0.59 -1.50 21.80
CA GLU A 417 1.75 -0.69 22.13
C GLU A 417 1.86 0.56 21.27
N LEU A 418 0.92 0.79 20.35
CA LEU A 418 0.91 2.00 19.53
C LEU A 418 0.41 3.16 20.36
N THR A 419 1.13 4.31 20.30
CA THR A 419 0.77 5.44 21.12
C THR A 419 -0.46 6.15 20.55
N PRO A 420 -1.08 7.02 21.34
CA PRO A 420 -2.21 7.80 20.80
C PRO A 420 -1.87 8.62 19.55
N GLN A 421 -0.73 9.34 19.54
CA GLN A 421 -0.40 10.10 18.34
C GLN A 421 -0.09 9.15 17.17
N GLN A 422 0.53 7.99 17.43
CA GLN A 422 0.71 6.99 16.36
C GLN A 422 -0.63 6.57 15.77
N ARG A 423 -1.64 6.36 16.63
CA ARG A 423 -2.95 5.95 16.13
C ARG A 423 -3.65 7.08 15.37
N ARG A 424 -3.30 8.32 15.64
CA ARG A 424 -3.91 9.43 14.93
C ARG A 424 -3.20 9.74 13.63
N SER A 425 -1.94 9.33 13.49
CA SER A 425 -1.07 9.78 12.42
C SER A 425 -0.88 8.74 11.32
N LEU A 426 -0.85 7.47 11.67
CA LEU A 426 -0.53 6.44 10.69
C LEU A 426 -1.50 6.54 9.52
N PRO A 427 -1.01 6.52 8.28
CA PRO A 427 -1.95 6.49 7.14
C PRO A 427 -2.88 5.28 7.22
N ALA A 428 -4.12 5.51 6.84
CA ALA A 428 -5.09 4.42 6.84
C ALA A 428 -4.79 3.34 5.79
N ILE A 429 -5.14 2.10 6.13
CA ILE A 429 -4.93 0.97 5.24
C ILE A 429 -6.29 0.23 5.24
N GLY B 14 -9.15 -0.30 -5.21
CA GLY B 14 -8.84 -1.46 -4.40
C GLY B 14 -8.04 -1.14 -3.16
N LYS B 15 -8.45 -1.72 -2.04
CA LYS B 15 -7.81 -1.52 -0.77
C LYS B 15 -7.26 -2.85 -0.26
N CYS B 16 -6.25 -2.75 0.61
CA CYS B 16 -5.58 -3.90 1.20
C CYS B 16 -6.29 -4.19 2.52
N LYS B 17 -7.27 -5.09 2.47
CA LYS B 17 -8.07 -5.39 3.63
C LYS B 17 -7.49 -6.59 4.39
N ASP B 18 -7.51 -7.75 3.75
N ASP B 18 -7.54 -7.76 3.76
CA ASP B 18 -6.95 -8.98 4.31
CA ASP B 18 -6.95 -8.97 4.30
C ASP B 18 -5.62 -9.37 3.68
C ASP B 18 -5.56 -9.26 3.77
N GLY B 19 -5.19 -8.69 2.62
CA GLY B 19 -4.00 -9.07 1.91
C GLY B 19 -3.14 -7.87 1.53
N LEU B 20 -2.10 -8.18 0.77
CA LEU B 20 -1.12 -7.23 0.27
C LEU B 20 -1.10 -7.22 -1.25
N GLY B 21 -2.29 -7.31 -1.86
CA GLY B 21 -2.42 -7.48 -3.29
C GLY B 21 -2.29 -6.21 -4.12
N GLU B 22 -2.50 -5.03 -3.54
CA GLU B 22 -2.38 -3.79 -4.31
C GLU B 22 -0.91 -3.38 -4.38
N TYR B 23 -0.56 -2.66 -5.44
CA TYR B 23 0.84 -2.20 -5.58
C TYR B 23 1.24 -1.32 -4.37
N THR B 24 0.36 -0.38 -3.96
CA THR B 24 0.50 0.33 -2.70
C THR B 24 -0.81 0.27 -1.91
N CYS B 25 -0.69 0.21 -0.60
CA CYS B 25 -1.87 0.02 0.29
C CYS B 25 -2.28 1.35 0.93
N THR B 26 -1.45 2.36 0.85
CA THR B 26 -1.70 3.65 1.46
C THR B 26 -1.86 4.71 0.39
N SER B 27 -2.45 5.83 0.78
N SER B 27 -2.42 5.85 0.81
CA SER B 27 -2.58 7.00 -0.07
CA SER B 27 -2.60 7.02 -0.05
C SER B 27 -1.94 8.15 0.67
C SER B 27 -1.95 8.18 0.67
N LEU B 28 -0.70 8.47 0.32
CA LEU B 28 0.11 9.45 1.06
C LEU B 28 -0.27 10.92 0.75
N GLU B 29 0.18 11.81 1.62
CA GLU B 29 -0.26 13.20 1.61
C GLU B 29 0.91 14.14 1.88
N GLY B 30 2.09 13.82 1.34
CA GLY B 30 3.24 14.70 1.48
C GLY B 30 3.92 14.56 2.83
N PHE B 31 4.23 15.69 3.46
CA PHE B 31 4.91 15.69 4.75
C PHE B 31 3.93 15.32 5.91
#